data_2O6G
#
_entry.id   2O6G
#
_cell.length_a   91.020
_cell.length_b   105.320
_cell.length_c   353.160
_cell.angle_alpha   90.00
_cell.angle_beta   90.00
_cell.angle_gamma   90.00
#
_symmetry.space_group_name_H-M   'I 2 2 2'
#
loop_
_entity.id
_entity.type
_entity.pdbx_description
1 polymer 'interferon-b enhancer'
2 polymer 'interferon-b enhancer'
3 polymer 'Interferon regulatory factor 3'
#
loop_
_entity_poly.entity_id
_entity_poly.type
_entity_poly.pdbx_seq_one_letter_code
_entity_poly.pdbx_strand_id
1 'polydeoxyribonucleotide'
;(DT)(DA)(DA)(DA)(DT)(DG)(DA)(DC)(DA)(DT)(DA)(DG)(DG)(DG)(DA)(DA)(DA)(DC)(DT)(DG)
(DA)(DA)(DA)(DG)(DG)(DG)(DA)(DA)(DA)(DG)(DT)(DG)(DA)(DA)(DA)(DG)(DT)(DG)(DG)(DG)
(DA)(DA)(DA)(DT)(DT)(DC)(DC)(DT)(DC)(DT)(DG)(DA)(DA)(DT)(DA)(DG)(DA)
;
D
2 'polydeoxyribonucleotide'
;(DA)(DT)(DC)(DT)(DA)(DT)(DT)(DC)(DA)(DG)(DA)(DG)(DG)(DA)(DA)(DT)(DT)(DT)(DC)(DC)
(DC)(DA)(DC)(DT)(DT)(DT)(DC)(DA)(DC)(DT)(DT)(DT)(DC)(DC)(DC)(DT)(DT)(DT)(DC)(DA)
(DG)(DT)(DT)(DT)(DC)(DC)(DC)(DT)(DA)(DT)(DG)(DT)(DC)(DA)(DT)(DT)(DT)
;
C
3 'polypeptide(L)'
;MGTPKPRILPWLVSQLDLGQLEGVAWVNKSRTRFRIPWKHGLRQDAQQEDFGIFQAWAEATGAYVPGRDKPDLPTWKRNF
RSALNRKEGLRLAEDRSKDPHDPHKIYEFVNSGVGDFSQPDTS
;
E,F,G,H
#
# COMPACT_ATOMS: atom_id res chain seq x y z
N THR C 3 -20.16 -3.33 1.24
CA THR C 3 -20.85 -2.92 -0.01
C THR C 3 -19.86 -2.36 -1.05
N PRO C 4 -19.62 -3.12 -2.14
CA PRO C 4 -18.71 -2.73 -3.23
C PRO C 4 -19.10 -1.42 -3.94
N LYS C 5 -18.12 -0.55 -4.16
CA LYS C 5 -18.37 0.74 -4.79
C LYS C 5 -18.47 0.64 -6.32
N PRO C 6 -19.58 1.15 -6.88
CA PRO C 6 -19.77 1.11 -8.33
C PRO C 6 -18.83 2.02 -9.11
N ARG C 7 -18.43 1.57 -10.28
CA ARG C 7 -17.59 2.38 -11.15
C ARG C 7 -18.61 3.16 -11.96
N ILE C 8 -18.34 4.42 -12.26
CA ILE C 8 -19.32 5.25 -12.94
C ILE C 8 -19.79 4.88 -14.36
N LEU C 9 -18.91 4.46 -15.25
CA LEU C 9 -19.38 4.13 -16.59
C LEU C 9 -20.29 2.91 -16.64
N PRO C 10 -19.93 1.84 -15.92
CA PRO C 10 -20.81 0.66 -15.97
C PRO C 10 -22.14 0.98 -15.29
N TRP C 11 -22.07 1.74 -14.20
CA TRP C 11 -23.24 2.13 -13.45
C TRP C 11 -24.16 3.02 -14.29
N LEU C 12 -23.56 3.95 -15.02
CA LEU C 12 -24.30 4.88 -15.85
C LEU C 12 -25.00 4.15 -16.99
N VAL C 13 -24.29 3.20 -17.59
CA VAL C 13 -24.83 2.42 -18.69
C VAL C 13 -26.03 1.61 -18.20
N SER C 14 -25.94 1.11 -16.97
CA SER C 14 -27.03 0.33 -16.41
C SER C 14 -28.27 1.19 -16.23
N GLN C 15 -28.09 2.42 -15.76
CA GLN C 15 -29.22 3.34 -15.56
C GLN C 15 -29.86 3.62 -16.91
N LEU C 16 -29.02 3.76 -17.94
CA LEU C 16 -29.49 4.03 -19.29
C LEU C 16 -30.31 2.87 -19.84
N ASP C 17 -29.86 1.64 -19.61
CA ASP C 17 -30.59 0.47 -20.07
C ASP C 17 -31.90 0.27 -19.31
N LEU C 18 -31.88 0.44 -17.99
CA LEU C 18 -33.08 0.30 -17.17
C LEU C 18 -34.09 1.40 -17.52
N GLY C 19 -33.57 2.58 -17.80
CA GLY C 19 -34.41 3.71 -18.16
C GLY C 19 -35.37 4.09 -17.05
N GLN C 20 -34.83 4.25 -15.84
CA GLN C 20 -35.61 4.59 -14.65
C GLN C 20 -35.87 6.10 -14.53
N LEU C 21 -34.99 6.91 -15.10
CA LEU C 21 -35.14 8.36 -15.03
C LEU C 21 -35.71 8.87 -16.34
N GLU C 22 -36.44 9.98 -16.26
CA GLU C 22 -37.08 10.60 -17.41
C GLU C 22 -36.10 11.25 -18.38
N GLY C 23 -36.11 10.78 -19.63
CA GLY C 23 -35.23 11.33 -20.65
C GLY C 23 -33.77 10.94 -20.49
N VAL C 24 -33.52 9.68 -20.16
CA VAL C 24 -32.16 9.18 -19.99
C VAL C 24 -31.77 8.23 -21.10
N ALA C 25 -32.69 7.32 -21.45
CA ALA C 25 -32.45 6.35 -22.50
C ALA C 25 -31.68 6.96 -23.68
N TRP C 26 -30.71 6.21 -24.19
CA TRP C 26 -29.89 6.64 -25.31
C TRP C 26 -30.78 7.03 -26.49
N VAL C 27 -30.21 7.72 -27.48
CA VAL C 27 -30.96 8.13 -28.66
C VAL C 27 -30.79 7.08 -29.75
N ASN C 28 -29.55 6.68 -29.99
CA ASN C 28 -29.23 5.67 -30.99
C ASN C 28 -29.41 4.32 -30.28
N LYS C 29 -30.00 3.35 -30.97
CA LYS C 29 -30.24 2.01 -30.39
C LYS C 29 -28.92 1.26 -30.14
N SER C 30 -27.91 1.53 -30.97
CA SER C 30 -26.60 0.89 -30.81
C SER C 30 -25.99 1.43 -29.52
N ARG C 31 -26.67 2.43 -28.95
CA ARG C 31 -26.28 3.07 -27.69
C ARG C 31 -24.95 3.84 -27.70
N THR C 32 -24.59 4.42 -28.84
CA THR C 32 -23.35 5.18 -28.94
C THR C 32 -23.58 6.66 -28.62
N ARG C 33 -24.82 6.99 -28.25
CA ARG C 33 -25.23 8.35 -27.89
C ARG C 33 -26.42 8.29 -26.93
N PHE C 34 -26.48 9.21 -25.97
CA PHE C 34 -27.57 9.25 -25.00
C PHE C 34 -27.92 10.66 -24.55
N ARG C 35 -29.05 10.82 -23.87
CA ARG C 35 -29.50 12.12 -23.39
C ARG C 35 -29.45 12.21 -21.86
N ILE C 36 -29.10 13.39 -21.34
CA ILE C 36 -28.99 13.62 -19.91
C ILE C 36 -29.80 14.84 -19.48
N PRO C 37 -30.65 14.70 -18.46
CA PRO C 37 -31.51 15.76 -17.92
C PRO C 37 -30.77 17.05 -17.47
N TRP C 38 -29.71 17.40 -18.21
CA TRP C 38 -28.86 18.57 -17.96
C TRP C 38 -29.58 19.89 -18.22
N LYS C 39 -30.06 20.54 -17.16
CA LYS C 39 -30.76 21.82 -17.32
C LYS C 39 -29.96 22.95 -16.68
N HIS C 40 -30.61 23.76 -15.84
CA HIS C 40 -29.93 24.87 -15.16
C HIS C 40 -30.46 25.02 -13.72
N GLY C 41 -29.65 25.65 -12.87
CA GLY C 41 -30.04 25.81 -11.48
C GLY C 41 -30.60 27.16 -11.08
N LEU C 42 -30.19 28.21 -11.77
CA LEU C 42 -30.68 29.56 -11.45
C LEU C 42 -32.01 29.88 -12.14
N ARG C 43 -32.64 28.87 -12.73
CA ARG C 43 -33.92 29.05 -13.41
C ARG C 43 -35.13 29.07 -12.48
N GLN C 44 -36.13 28.24 -12.80
CA GLN C 44 -37.35 28.19 -11.99
C GLN C 44 -37.69 26.84 -11.36
N ASP C 45 -38.34 25.96 -12.13
CA ASP C 45 -38.75 24.65 -11.64
C ASP C 45 -37.66 23.57 -11.58
N ALA C 46 -36.43 23.98 -11.27
CA ALA C 46 -35.31 23.04 -11.17
C ALA C 46 -35.38 22.33 -9.81
N GLN C 47 -35.45 21.00 -9.84
CA GLN C 47 -35.55 20.22 -8.61
C GLN C 47 -34.64 18.99 -8.64
N GLN C 48 -35.07 17.93 -7.97
CA GLN C 48 -34.31 16.68 -7.92
C GLN C 48 -34.76 15.78 -9.06
N GLU C 49 -35.68 16.29 -9.87
CA GLU C 49 -36.19 15.56 -11.03
C GLU C 49 -35.34 15.91 -12.25
N ASP C 50 -34.84 17.15 -12.28
CA ASP C 50 -34.02 17.63 -13.39
C ASP C 50 -32.53 17.39 -13.14
N PHE C 51 -32.24 16.86 -11.95
CA PHE C 51 -30.87 16.56 -11.54
C PHE C 51 -30.88 15.12 -11.04
N GLY C 52 -31.71 14.28 -11.67
CA GLY C 52 -31.82 12.89 -11.25
C GLY C 52 -30.59 12.02 -11.37
N ILE C 53 -29.87 12.11 -12.48
CA ILE C 53 -28.67 11.31 -12.67
C ILE C 53 -27.60 11.79 -11.71
N PHE C 54 -27.51 13.11 -11.56
CA PHE C 54 -26.53 13.72 -10.68
C PHE C 54 -26.83 13.24 -9.26
N GLN C 55 -28.12 13.21 -8.92
CA GLN C 55 -28.54 12.76 -7.59
C GLN C 55 -28.31 11.26 -7.43
N ALA C 56 -28.56 10.51 -8.49
CA ALA C 56 -28.41 9.06 -8.47
C ALA C 56 -26.96 8.69 -8.19
N TRP C 57 -26.05 9.42 -8.83
CA TRP C 57 -24.63 9.18 -8.65
C TRP C 57 -24.21 9.50 -7.23
N ALA C 58 -24.74 10.59 -6.67
CA ALA C 58 -24.42 11.00 -5.31
C ALA C 58 -24.93 9.97 -4.32
N GLU C 59 -26.14 9.47 -4.54
CA GLU C 59 -26.70 8.45 -3.65
C GLU C 59 -25.88 7.18 -3.81
N ALA C 60 -25.52 6.89 -5.06
CA ALA C 60 -24.77 5.69 -5.40
C ALA C 60 -23.38 5.62 -4.77
N THR C 61 -22.68 6.75 -4.68
CA THR C 61 -21.34 6.77 -4.10
C THR C 61 -21.35 6.99 -2.60
N GLY C 62 -22.54 7.02 -2.00
CA GLY C 62 -22.62 7.23 -0.57
C GLY C 62 -22.30 8.66 -0.16
N ALA C 63 -21.85 9.46 -1.12
CA ALA C 63 -21.52 10.87 -0.85
C ALA C 63 -22.77 11.49 -0.25
N TYR C 64 -23.92 11.03 -0.73
CA TYR C 64 -25.21 11.49 -0.25
C TYR C 64 -26.16 10.30 -0.15
N VAL C 65 -27.04 10.35 0.84
CA VAL C 65 -28.03 9.30 1.05
C VAL C 65 -29.33 10.01 1.41
N PRO C 66 -30.43 9.68 0.72
CA PRO C 66 -31.72 10.32 1.01
C PRO C 66 -32.24 9.95 2.40
N GLY C 67 -31.31 9.77 3.34
CA GLY C 67 -31.67 9.42 4.70
C GLY C 67 -30.81 10.10 5.74
N ARG C 68 -30.10 11.15 5.35
CA ARG C 68 -29.23 11.88 6.27
C ARG C 68 -28.70 13.16 5.63
N ASP C 69 -27.77 13.00 4.68
CA ASP C 69 -27.16 14.15 4.01
C ASP C 69 -28.22 15.09 3.44
N LYS C 70 -28.03 16.38 3.69
CA LYS C 70 -28.97 17.40 3.20
C LYS C 70 -28.65 17.73 1.74
N PRO C 71 -29.41 17.14 0.80
CA PRO C 71 -29.26 17.31 -0.65
C PRO C 71 -28.73 18.65 -1.17
N ASP C 72 -27.58 18.60 -1.84
CA ASP C 72 -26.97 19.78 -2.43
C ASP C 72 -26.87 19.51 -3.92
N LEU C 73 -27.87 19.99 -4.67
CA LEU C 73 -27.93 19.80 -6.11
C LEU C 73 -26.77 20.44 -6.87
N PRO C 74 -26.32 21.63 -6.44
CA PRO C 74 -25.21 22.29 -7.13
C PRO C 74 -23.91 21.50 -7.09
N THR C 75 -23.59 20.93 -5.94
CA THR C 75 -22.37 20.16 -5.77
C THR C 75 -22.40 18.84 -6.55
N TRP C 76 -23.57 18.20 -6.60
CA TRP C 76 -23.72 16.93 -7.30
C TRP C 76 -23.42 17.06 -8.78
N LYS C 77 -23.82 18.18 -9.36
CA LYS C 77 -23.58 18.41 -10.78
C LYS C 77 -22.08 18.57 -11.02
N ARG C 78 -21.38 19.21 -10.09
CA ARG C 78 -19.94 19.43 -10.23
C ARG C 78 -19.16 18.12 -10.23
N ASN C 79 -19.52 17.21 -9.32
CA ASN C 79 -18.83 15.93 -9.21
C ASN C 79 -19.05 15.03 -10.42
N PHE C 80 -20.28 15.01 -10.92
CA PHE C 80 -20.61 14.20 -12.08
C PHE C 80 -19.92 14.70 -13.35
N ARG C 81 -19.81 16.02 -13.48
CA ARG C 81 -19.20 16.63 -14.66
C ARG C 81 -17.72 16.31 -14.79
N SER C 82 -17.00 16.35 -13.68
CA SER C 82 -15.57 16.09 -13.69
C SER C 82 -15.19 14.67 -14.09
N ALA C 83 -15.94 13.68 -13.61
CA ALA C 83 -15.65 12.27 -13.88
C ALA C 83 -15.75 11.87 -15.36
N LEU C 84 -16.76 12.38 -16.03
CA LEU C 84 -16.99 12.09 -17.44
C LEU C 84 -15.88 12.69 -18.30
N ASN C 85 -15.40 13.85 -17.87
CA ASN C 85 -14.37 14.60 -18.58
C ASN C 85 -13.03 13.86 -18.73
N ARG C 86 -12.64 13.10 -17.72
CA ARG C 86 -11.37 12.38 -17.75
C ARG C 86 -11.31 11.07 -18.55
N LYS C 87 -12.47 10.48 -18.85
CA LYS C 87 -12.53 9.22 -19.59
C LYS C 87 -12.00 9.37 -21.03
N GLU C 88 -10.93 8.67 -21.36
CA GLU C 88 -10.32 8.72 -22.68
C GLU C 88 -11.29 8.38 -23.81
N GLY C 89 -11.93 7.22 -23.72
CA GLY C 89 -12.88 6.81 -24.74
C GLY C 89 -14.29 7.29 -24.46
N LEU C 90 -14.43 8.59 -24.18
CA LEU C 90 -15.73 9.17 -23.90
C LEU C 90 -15.64 10.69 -24.08
N ARG C 91 -16.29 11.19 -25.13
CA ARG C 91 -16.29 12.63 -25.40
C ARG C 91 -17.71 13.17 -25.44
N LEU C 92 -17.84 14.45 -25.11
CA LEU C 92 -19.13 15.13 -25.10
C LEU C 92 -19.44 15.64 -26.52
N ALA C 93 -20.46 15.05 -27.14
CA ALA C 93 -20.86 15.44 -28.49
C ALA C 93 -21.35 16.89 -28.55
N GLU C 94 -22.62 17.10 -28.21
CA GLU C 94 -23.21 18.43 -28.22
C GLU C 94 -23.75 18.83 -26.84
N ASP C 95 -23.86 20.14 -26.62
CA ASP C 95 -24.36 20.67 -25.36
C ASP C 95 -25.77 21.20 -25.58
N ARG C 96 -26.72 20.29 -25.77
CA ARG C 96 -28.11 20.65 -26.00
C ARG C 96 -28.84 21.14 -24.75
N SER C 97 -28.09 21.58 -23.75
CA SER C 97 -28.69 22.09 -22.52
C SER C 97 -29.22 23.48 -22.85
N LYS C 98 -28.83 23.97 -24.03
CA LYS C 98 -29.23 25.28 -24.54
C LYS C 98 -30.60 25.25 -25.22
N ASP C 99 -31.51 24.44 -24.69
CA ASP C 99 -32.86 24.32 -25.22
C ASP C 99 -33.88 24.57 -24.12
N PRO C 100 -34.94 25.33 -24.41
CA PRO C 100 -36.00 25.65 -23.45
C PRO C 100 -36.65 24.42 -22.79
N HIS C 101 -37.79 23.99 -23.34
CA HIS C 101 -38.55 22.86 -22.82
C HIS C 101 -37.76 21.55 -22.82
N ASP C 102 -36.89 21.38 -23.82
CA ASP C 102 -36.09 20.16 -23.95
C ASP C 102 -34.60 20.36 -23.67
N PRO C 103 -34.22 20.45 -22.38
CA PRO C 103 -32.81 20.63 -22.00
C PRO C 103 -32.13 19.29 -21.74
N HIS C 104 -30.88 19.15 -22.18
CA HIS C 104 -30.12 17.92 -21.97
C HIS C 104 -28.68 18.00 -22.47
N LYS C 105 -28.09 16.83 -22.73
CA LYS C 105 -26.72 16.75 -23.23
C LYS C 105 -26.49 15.41 -23.92
N ILE C 106 -25.67 15.42 -24.97
CA ILE C 106 -25.37 14.21 -25.72
C ILE C 106 -23.90 13.81 -25.72
N TYR C 107 -23.58 12.73 -25.01
CA TYR C 107 -22.20 12.22 -24.96
C TYR C 107 -22.05 11.12 -25.99
N GLU C 108 -20.81 10.72 -26.24
CA GLU C 108 -20.54 9.68 -27.20
C GLU C 108 -19.82 8.53 -26.51
N PHE C 109 -20.06 7.30 -26.99
CA PHE C 109 -19.46 6.10 -26.42
C PHE C 109 -18.28 5.72 -27.31
N VAL C 110 -17.70 6.73 -27.97
CA VAL C 110 -16.56 6.52 -28.85
C VAL C 110 -15.36 5.95 -28.11
N ASN C 111 -14.33 5.59 -28.86
CA ASN C 111 -13.12 5.04 -28.27
C ASN C 111 -12.01 4.92 -29.32
N SER C 112 -10.77 4.92 -28.85
CA SER C 112 -9.60 4.80 -29.72
C SER C 112 -8.54 3.96 -29.02
N PRO D 4 20.47 4.67 6.52
CA PRO D 4 19.57 4.20 7.62
C PRO D 4 18.06 4.49 7.39
N LYS D 5 17.75 5.61 6.75
CA LYS D 5 16.41 6.10 6.42
C LYS D 5 15.54 6.40 7.62
N PRO D 6 15.16 7.66 7.78
CA PRO D 6 14.32 8.05 8.92
C PRO D 6 12.92 7.45 8.90
N ARG D 7 12.40 7.18 10.07
CA ARG D 7 11.02 6.69 10.19
C ARG D 7 10.24 7.99 10.37
N ILE D 8 9.07 8.08 9.76
CA ILE D 8 8.34 9.33 9.79
C ILE D 8 7.89 9.90 11.14
N LEU D 9 7.39 9.09 12.06
CA LEU D 9 6.94 9.67 13.31
C LEU D 9 8.06 10.23 14.15
N PRO D 10 9.17 9.52 14.28
CA PRO D 10 10.22 10.10 15.09
C PRO D 10 10.76 11.34 14.42
N TRP D 11 10.85 11.28 13.10
CA TRP D 11 11.37 12.40 12.32
C TRP D 11 10.48 13.63 12.45
N LEU D 12 9.17 13.39 12.41
CA LEU D 12 8.21 14.46 12.47
C LEU D 12 8.27 15.12 13.82
N VAL D 13 8.36 14.30 14.85
CA VAL D 13 8.39 14.81 16.21
C VAL D 13 9.60 15.69 16.37
N SER D 14 10.72 15.29 15.77
CA SER D 14 11.93 16.06 15.87
C SER D 14 11.75 17.43 15.23
N GLN D 15 11.09 17.47 14.09
CA GLN D 15 10.88 18.74 13.41
C GLN D 15 10.04 19.62 14.31
N LEU D 16 9.05 19.00 14.95
CA LEU D 16 8.16 19.73 15.84
C LEU D 16 8.91 20.31 17.02
N ASP D 17 9.82 19.54 17.60
CA ASP D 17 10.58 20.05 18.73
C ASP D 17 11.57 21.14 18.34
N LEU D 18 12.25 20.96 17.22
CA LEU D 18 13.21 21.95 16.72
C LEU D 18 12.47 23.22 16.32
N GLY D 19 11.28 23.05 15.76
CA GLY D 19 10.48 24.19 15.36
C GLY D 19 11.17 25.06 14.35
N GLN D 20 11.79 24.44 13.36
CA GLN D 20 12.49 25.17 12.33
C GLN D 20 11.48 25.70 11.30
N LEU D 21 10.72 24.81 10.68
CA LEU D 21 9.73 25.19 9.69
C LEU D 21 8.65 26.03 10.37
N GLU D 22 7.98 26.87 9.59
CA GLU D 22 6.94 27.72 10.13
C GLU D 22 5.56 27.20 9.78
N GLY D 23 4.66 27.29 10.75
CA GLY D 23 3.30 26.80 10.57
C GLY D 23 3.33 25.36 11.00
N VAL D 24 4.50 24.96 11.50
CA VAL D 24 4.73 23.59 11.93
C VAL D 24 5.23 23.55 13.36
N ALA D 25 4.31 23.36 14.30
CA ALA D 25 4.70 23.28 15.69
C ALA D 25 3.63 22.68 16.59
N TRP D 26 4.05 22.44 17.82
CA TRP D 26 3.19 21.89 18.86
C TRP D 26 2.14 22.93 19.25
N VAL D 27 0.86 22.56 19.18
CA VAL D 27 -0.22 23.48 19.54
C VAL D 27 -0.85 23.05 20.86
N ASN D 28 0.00 22.66 21.79
CA ASN D 28 -0.44 22.18 23.07
C ASN D 28 0.81 22.10 23.93
N LYS D 29 0.72 22.52 25.19
CA LYS D 29 1.90 22.49 26.06
C LYS D 29 2.27 21.10 26.53
N SER D 30 1.32 20.18 26.50
CA SER D 30 1.59 18.79 26.90
C SER D 30 2.23 18.05 25.72
N ARG D 31 2.07 18.61 24.52
CA ARG D 31 2.63 18.04 23.30
C ARG D 31 1.90 16.78 22.86
N THR D 32 0.78 16.95 22.16
CA THR D 32 0.01 15.82 21.69
C THR D 32 -0.76 16.18 20.42
N ARG D 33 -1.05 17.47 20.27
CA ARG D 33 -1.75 17.99 19.09
C ARG D 33 -0.71 18.84 18.36
N PHE D 34 -0.70 18.79 17.03
CA PHE D 34 0.27 19.61 16.30
C PHE D 34 -0.34 20.13 15.01
N ARG D 35 0.18 21.25 14.54
CA ARG D 35 -0.31 21.90 13.32
C ARG D 35 0.63 21.70 12.15
N ILE D 36 0.06 21.70 10.95
CA ILE D 36 0.79 21.53 9.70
C ILE D 36 0.16 22.46 8.69
N PRO D 37 0.94 23.36 8.06
CA PRO D 37 0.37 24.26 7.07
C PRO D 37 -0.31 23.37 6.02
N TRP D 38 -1.16 23.92 5.16
CA TRP D 38 -1.82 23.07 4.16
C TRP D 38 -2.53 23.89 3.12
N LYS D 39 -1.84 24.93 2.66
CA LYS D 39 -2.44 25.79 1.65
C LYS D 39 -2.66 24.93 0.42
N HIS D 40 -3.92 24.84 0.00
CA HIS D 40 -4.25 24.06 -1.18
C HIS D 40 -3.42 24.57 -2.36
N GLY D 41 -3.07 23.64 -3.26
CA GLY D 41 -2.23 23.95 -4.40
C GLY D 41 -2.61 25.01 -5.41
N LEU D 42 -3.89 25.10 -5.78
CA LEU D 42 -4.32 26.08 -6.78
C LEU D 42 -4.31 27.56 -6.36
N ARG D 43 -4.35 27.83 -5.06
CA ARG D 43 -4.35 29.21 -4.59
C ARG D 43 -3.12 29.99 -5.10
N GLN D 44 -3.35 31.23 -5.53
CA GLN D 44 -2.32 32.12 -6.08
C GLN D 44 -1.14 32.41 -5.15
N ASP D 45 -1.45 32.58 -3.87
CA ASP D 45 -0.45 32.88 -2.85
C ASP D 45 0.32 31.64 -2.38
N ALA D 46 0.17 30.54 -3.13
CA ALA D 46 0.81 29.27 -2.79
C ALA D 46 2.14 29.00 -3.49
N GLN D 47 3.22 29.04 -2.73
CA GLN D 47 4.56 28.78 -3.24
C GLN D 47 4.99 27.43 -2.68
N GLN D 48 6.23 27.04 -2.91
CA GLN D 48 6.71 25.77 -2.38
C GLN D 48 7.13 25.94 -0.93
N GLU D 49 7.12 27.19 -0.45
CA GLU D 49 7.48 27.48 0.93
C GLU D 49 6.34 26.99 1.82
N ASP D 50 5.18 26.79 1.20
CA ASP D 50 3.96 26.33 1.87
C ASP D 50 3.85 24.82 1.90
N PHE D 51 4.88 24.17 1.38
CA PHE D 51 4.95 22.71 1.35
C PHE D 51 6.29 22.35 1.97
N GLY D 52 6.73 23.14 2.95
CA GLY D 52 8.04 22.90 3.52
C GLY D 52 8.26 21.57 4.22
N ILE D 53 7.31 21.13 5.03
CA ILE D 53 7.46 19.85 5.73
C ILE D 53 7.41 18.73 4.71
N PHE D 54 6.49 18.85 3.76
CA PHE D 54 6.33 17.83 2.75
C PHE D 54 7.65 17.73 1.99
N GLN D 55 8.24 18.89 1.70
CA GLN D 55 9.51 18.94 1.00
C GLN D 55 10.64 18.40 1.86
N ALA D 56 10.58 18.71 3.15
CA ALA D 56 11.61 18.28 4.08
C ALA D 56 11.65 16.78 4.17
N TRP D 57 10.47 16.18 4.19
CA TRP D 57 10.35 14.73 4.27
C TRP D 57 10.90 14.10 3.00
N ALA D 58 10.59 14.71 1.86
CA ALA D 58 11.08 14.17 0.60
C ALA D 58 12.59 14.25 0.52
N GLU D 59 13.16 15.37 0.94
CA GLU D 59 14.61 15.52 0.92
C GLU D 59 15.21 14.54 1.91
N ALA D 60 14.52 14.38 3.04
CA ALA D 60 14.97 13.50 4.10
C ALA D 60 15.03 12.03 3.75
N THR D 61 14.08 11.54 2.95
CA THR D 61 14.05 10.13 2.56
C THR D 61 14.79 9.87 1.27
N GLY D 62 15.43 10.91 0.73
CA GLY D 62 16.16 10.75 -0.51
C GLY D 62 15.28 10.86 -1.74
N ALA D 63 13.98 11.07 -1.56
CA ALA D 63 13.10 11.17 -2.71
C ALA D 63 13.42 12.43 -3.51
N TYR D 64 13.66 13.52 -2.79
CA TYR D 64 13.97 14.79 -3.41
C TYR D 64 15.40 15.20 -3.17
N VAL D 65 16.05 15.60 -4.24
CA VAL D 65 17.43 16.06 -4.19
C VAL D 65 17.40 17.28 -5.06
N PRO D 66 17.55 18.45 -4.45
CA PRO D 66 17.53 19.67 -5.25
C PRO D 66 18.63 19.58 -6.28
N GLY D 67 18.31 19.89 -7.53
CA GLY D 67 19.31 19.83 -8.57
C GLY D 67 19.08 18.65 -9.48
N ARG D 68 18.89 17.48 -8.89
CA ARG D 68 18.67 16.27 -9.65
C ARG D 68 17.26 16.16 -10.20
N ASP D 69 16.27 16.36 -9.34
CA ASP D 69 14.88 16.26 -9.77
C ASP D 69 14.21 17.64 -9.76
N LYS D 70 13.24 17.81 -10.64
CA LYS D 70 12.50 19.06 -10.67
C LYS D 70 11.69 19.00 -9.39
N PRO D 71 11.35 20.16 -8.82
CA PRO D 71 10.56 20.04 -7.60
C PRO D 71 9.12 19.71 -7.98
N ASP D 72 8.47 18.87 -7.18
CA ASP D 72 7.08 18.47 -7.42
C ASP D 72 6.33 18.57 -6.09
N LEU D 73 5.50 19.60 -5.98
CA LEU D 73 4.72 19.84 -4.77
C LEU D 73 3.55 18.91 -4.44
N PRO D 74 2.73 18.54 -5.44
CA PRO D 74 1.58 17.68 -5.18
C PRO D 74 1.97 16.33 -4.64
N THR D 75 3.05 15.78 -5.19
CA THR D 75 3.55 14.48 -4.78
C THR D 75 4.10 14.51 -3.37
N TRP D 76 4.82 15.58 -3.03
CA TRP D 76 5.39 15.63 -1.69
C TRP D 76 4.25 15.61 -0.71
N LYS D 77 3.17 16.35 -1.02
CA LYS D 77 2.06 16.38 -0.09
C LYS D 77 1.29 15.07 -0.01
N ARG D 78 0.98 14.44 -1.15
CA ARG D 78 0.20 13.21 -1.08
C ARG D 78 1.04 12.17 -0.35
N ASN D 79 2.34 12.23 -0.58
CA ASN D 79 3.23 11.29 0.09
C ASN D 79 3.24 11.54 1.58
N PHE D 80 3.29 12.78 2.00
CA PHE D 80 3.32 13.04 3.44
C PHE D 80 2.01 12.57 4.08
N ARG D 81 0.91 12.88 3.41
CA ARG D 81 -0.38 12.52 3.92
C ARG D 81 -0.61 11.02 4.04
N SER D 82 -0.26 10.25 3.02
CA SER D 82 -0.50 8.81 3.06
C SER D 82 0.32 8.12 4.13
N ALA D 83 1.54 8.62 4.33
CA ALA D 83 2.43 8.01 5.30
C ALA D 83 1.80 8.13 6.69
N LEU D 84 1.23 9.30 6.95
CA LEU D 84 0.59 9.55 8.22
C LEU D 84 -0.69 8.78 8.46
N ASN D 85 -1.48 8.57 7.42
CA ASN D 85 -2.76 7.91 7.59
C ASN D 85 -2.67 6.52 8.16
N ARG D 86 -1.71 5.75 7.68
CA ARG D 86 -1.55 4.37 8.11
C ARG D 86 -1.02 4.26 9.54
N LYS D 87 -0.38 5.33 10.03
CA LYS D 87 0.21 5.35 11.37
C LYS D 87 -0.78 5.23 12.53
N GLU D 88 -0.77 4.09 13.21
CA GLU D 88 -1.64 3.87 14.35
C GLU D 88 -1.20 4.84 15.44
N GLY D 89 -2.06 5.08 16.42
CA GLY D 89 -1.71 5.98 17.50
C GLY D 89 -1.49 7.40 17.02
N LEU D 90 -2.25 7.79 16.00
CA LEU D 90 -2.16 9.13 15.46
C LEU D 90 -3.34 9.33 14.53
N ARG D 91 -4.20 10.29 14.89
CA ARG D 91 -5.38 10.58 14.10
C ARG D 91 -5.46 12.03 13.69
N LEU D 92 -6.22 12.26 12.62
CA LEU D 92 -6.41 13.61 12.11
C LEU D 92 -7.53 14.22 12.92
N ALA D 93 -7.28 15.41 13.46
CA ALA D 93 -8.28 16.11 14.27
C ALA D 93 -9.22 16.96 13.42
N GLU D 94 -8.85 18.21 13.20
CA GLU D 94 -9.67 19.14 12.43
C GLU D 94 -9.04 19.40 11.06
N ASP D 95 -9.89 19.65 10.07
CA ASP D 95 -9.43 19.90 8.71
C ASP D 95 -9.53 21.39 8.37
N ARG D 96 -8.53 22.17 8.80
CA ARG D 96 -8.50 23.60 8.53
C ARG D 96 -7.74 23.85 7.21
N SER D 97 -7.89 22.94 6.27
CA SER D 97 -7.19 23.05 5.00
C SER D 97 -7.62 24.20 4.08
N LYS D 98 -8.93 24.34 3.81
CA LYS D 98 -9.40 25.39 2.92
C LYS D 98 -9.54 26.77 3.60
N ASP D 99 -9.21 26.81 4.89
CA ASP D 99 -9.27 28.04 5.68
C ASP D 99 -8.47 29.16 4.96
N PRO D 100 -9.15 30.23 4.55
CA PRO D 100 -8.59 31.40 3.84
C PRO D 100 -7.33 32.10 4.34
N HIS D 101 -7.20 32.34 5.63
CA HIS D 101 -6.00 33.02 6.13
C HIS D 101 -4.90 32.08 6.53
N ASP D 102 -5.16 31.24 7.53
CA ASP D 102 -4.17 30.28 7.97
C ASP D 102 -4.72 28.87 7.74
N PRO D 103 -4.57 28.36 6.50
CA PRO D 103 -5.06 27.01 6.19
C PRO D 103 -4.08 26.04 6.82
N HIS D 104 -4.58 24.98 7.42
CA HIS D 104 -3.71 24.00 8.07
C HIS D 104 -4.48 22.81 8.66
N LYS D 105 -3.76 21.95 9.36
CA LYS D 105 -4.38 20.80 9.99
C LYS D 105 -3.68 20.51 11.30
N ILE D 106 -4.41 19.90 12.23
CA ILE D 106 -3.83 19.55 13.51
C ILE D 106 -3.96 18.06 13.69
N TYR D 107 -2.84 17.43 14.00
CA TYR D 107 -2.85 16.00 14.20
C TYR D 107 -2.64 15.81 15.68
N GLU D 108 -3.16 14.71 16.21
CA GLU D 108 -3.02 14.40 17.62
C GLU D 108 -2.67 12.94 17.81
N PHE D 109 -1.79 12.68 18.77
CA PHE D 109 -1.38 11.31 19.07
C PHE D 109 -2.38 10.71 20.05
N VAL D 110 -2.87 9.52 19.74
CA VAL D 110 -3.83 8.84 20.60
C VAL D 110 -3.33 7.45 20.98
N ASN D 111 -4.13 6.76 21.78
CA ASN D 111 -3.81 5.41 22.24
C ASN D 111 -4.90 4.47 21.75
N THR E 3 9.10 -34.60 -3.73
CA THR E 3 9.79 -34.11 -4.98
C THR E 3 10.63 -32.85 -4.73
N PRO E 4 11.47 -32.46 -5.71
CA PRO E 4 12.25 -31.25 -5.47
C PRO E 4 11.37 -30.03 -5.63
N LYS E 5 11.83 -28.94 -5.06
CA LYS E 5 11.18 -27.64 -5.12
C LYS E 5 11.84 -27.00 -6.34
N PRO E 6 11.05 -26.45 -7.26
CA PRO E 6 11.64 -25.83 -8.44
C PRO E 6 12.46 -24.58 -8.15
N ARG E 7 13.49 -24.36 -8.94
CA ARG E 7 14.31 -23.16 -8.77
C ARG E 7 13.64 -22.18 -9.71
N ILE E 8 13.55 -20.92 -9.33
CA ILE E 8 12.78 -19.99 -10.13
C ILE E 8 13.21 -19.68 -11.57
N LEU E 9 14.50 -19.52 -11.84
CA LEU E 9 14.89 -19.20 -13.20
C LEU E 9 14.65 -20.34 -14.18
N PRO E 10 14.98 -21.58 -13.79
CA PRO E 10 14.73 -22.66 -14.75
C PRO E 10 13.23 -22.81 -14.96
N TRP E 11 12.49 -22.65 -13.88
CA TRP E 11 11.04 -22.81 -13.94
C TRP E 11 10.43 -21.75 -14.84
N LEU E 12 10.93 -20.53 -14.71
CA LEU E 12 10.42 -19.40 -15.45
C LEU E 12 10.70 -19.60 -16.91
N VAL E 13 11.90 -20.07 -17.21
CA VAL E 13 12.27 -20.28 -18.59
C VAL E 13 11.36 -21.31 -19.19
N SER E 14 11.04 -22.33 -18.42
CA SER E 14 10.19 -23.38 -18.93
C SER E 14 8.81 -22.83 -19.27
N GLN E 15 8.28 -21.97 -18.41
CA GLN E 15 6.96 -21.42 -18.66
C GLN E 15 7.03 -20.60 -19.93
N LEU E 16 8.14 -19.91 -20.10
CA LEU E 16 8.34 -19.08 -21.27
C LEU E 16 8.38 -19.92 -22.54
N ASP E 17 9.05 -21.05 -22.49
CA ASP E 17 9.11 -21.92 -23.65
C ASP E 17 7.77 -22.57 -23.95
N LEU E 18 7.09 -23.07 -22.92
CA LEU E 18 5.81 -23.71 -23.12
C LEU E 18 4.78 -22.73 -23.65
N GLY E 19 4.88 -21.50 -23.17
CA GLY E 19 3.97 -20.44 -23.60
C GLY E 19 2.53 -20.78 -23.29
N GLN E 20 2.30 -21.28 -22.09
CA GLN E 20 0.96 -21.66 -21.68
C GLN E 20 0.19 -20.46 -21.17
N LEU E 21 0.89 -19.55 -20.48
CA LEU E 21 0.27 -18.37 -19.93
C LEU E 21 0.24 -17.27 -20.99
N GLU E 22 -0.88 -16.58 -21.06
CA GLU E 22 -1.02 -15.53 -22.03
C GLU E 22 -0.27 -14.34 -21.50
N GLY E 23 0.37 -13.59 -22.40
CA GLY E 23 1.10 -12.40 -22.02
C GLY E 23 2.53 -12.64 -21.59
N VAL E 24 2.85 -13.89 -21.26
CA VAL E 24 4.21 -14.22 -20.83
C VAL E 24 4.92 -14.80 -22.04
N ALA E 25 5.91 -14.07 -22.54
CA ALA E 25 6.61 -14.53 -23.73
C ALA E 25 8.00 -13.95 -23.87
N TRP E 26 8.84 -14.68 -24.61
CA TRP E 26 10.18 -14.20 -24.86
C TRP E 26 9.96 -13.02 -25.76
N VAL E 27 10.77 -11.99 -25.62
CA VAL E 27 10.63 -10.80 -26.47
C VAL E 27 11.68 -10.80 -27.59
N ASN E 28 12.49 -11.85 -27.66
CA ASN E 28 13.52 -11.92 -28.67
C ASN E 28 13.89 -13.36 -29.05
N LYS E 29 14.58 -13.52 -30.18
CA LYS E 29 15.00 -14.84 -30.65
C LYS E 29 16.07 -15.46 -29.78
N SER E 30 17.01 -14.66 -29.33
CA SER E 30 18.10 -15.14 -28.49
C SER E 30 17.57 -15.66 -27.17
N ARG E 31 16.28 -15.50 -26.93
CA ARG E 31 15.69 -15.95 -25.69
C ARG E 31 16.55 -15.52 -24.53
N THR E 32 16.60 -14.21 -24.29
CA THR E 32 17.37 -13.65 -23.19
C THR E 32 16.54 -12.53 -22.59
N ARG E 33 15.62 -11.98 -23.37
CA ARG E 33 14.76 -10.95 -22.83
C ARG E 33 13.35 -11.54 -22.91
N PHE E 34 12.58 -11.43 -21.83
CA PHE E 34 11.21 -11.95 -21.79
C PHE E 34 10.29 -10.92 -21.17
N ARG E 35 8.98 -11.11 -21.24
CA ARG E 35 8.06 -10.13 -20.66
C ARG E 35 7.09 -10.75 -19.66
N ILE E 36 6.67 -9.99 -18.67
CA ILE E 36 5.70 -10.50 -17.70
C ILE E 36 4.56 -9.50 -17.60
N PRO E 37 3.31 -9.99 -17.75
CA PRO E 37 2.13 -9.13 -17.65
C PRO E 37 2.15 -8.55 -16.23
N TRP E 38 1.92 -7.25 -16.08
CA TRP E 38 2.01 -6.67 -14.76
C TRP E 38 0.94 -5.62 -14.42
N LYS E 39 -0.31 -5.91 -14.77
CA LYS E 39 -1.44 -4.98 -14.49
C LYS E 39 -1.61 -4.65 -13.01
N HIS E 40 -1.90 -3.39 -12.71
CA HIS E 40 -2.08 -2.99 -11.33
C HIS E 40 -3.34 -3.55 -10.71
N GLY E 41 -3.20 -4.05 -9.48
CA GLY E 41 -4.29 -4.64 -8.74
C GLY E 41 -5.60 -3.88 -8.59
N LEU E 42 -5.55 -2.56 -8.41
CA LEU E 42 -6.79 -1.79 -8.23
C LEU E 42 -7.53 -1.46 -9.50
N ARG E 43 -6.96 -1.76 -10.66
CA ARG E 43 -7.64 -1.46 -11.91
C ARG E 43 -8.94 -2.23 -12.08
N GLN E 44 -9.86 -1.68 -12.86
CA GLN E 44 -11.13 -2.34 -13.06
C GLN E 44 -11.01 -3.61 -13.89
N ASP E 45 -10.28 -3.54 -14.99
CA ASP E 45 -10.15 -4.72 -15.82
C ASP E 45 -9.31 -5.79 -15.13
N ALA E 46 -8.87 -5.49 -13.91
CA ALA E 46 -8.06 -6.44 -13.17
C ALA E 46 -8.89 -7.66 -12.83
N GLN E 47 -8.23 -8.82 -12.77
CA GLN E 47 -8.86 -10.09 -12.45
C GLN E 47 -7.76 -11.13 -12.25
N GLN E 48 -8.03 -12.15 -11.43
CA GLN E 48 -7.05 -13.21 -11.14
C GLN E 48 -6.16 -13.69 -12.29
N GLU E 49 -6.64 -13.63 -13.52
CA GLU E 49 -5.84 -14.12 -14.62
C GLU E 49 -4.75 -13.16 -15.05
N ASP E 50 -4.70 -12.02 -14.39
CA ASP E 50 -3.69 -11.01 -14.67
C ASP E 50 -2.51 -11.19 -13.71
N PHE E 51 -2.60 -12.23 -12.89
CA PHE E 51 -1.58 -12.57 -11.91
C PHE E 51 -1.27 -14.07 -12.09
N GLY E 52 -1.38 -14.55 -13.33
CA GLY E 52 -1.19 -15.97 -13.58
C GLY E 52 0.18 -16.56 -13.29
N ILE E 53 1.24 -15.86 -13.65
CA ILE E 53 2.59 -16.35 -13.39
C ILE E 53 2.84 -16.30 -11.90
N PHE E 54 2.38 -15.22 -11.29
CA PHE E 54 2.56 -15.04 -9.86
C PHE E 54 1.86 -16.16 -9.14
N GLN E 55 0.67 -16.49 -9.62
CA GLN E 55 -0.12 -17.59 -9.06
C GLN E 55 0.55 -18.92 -9.34
N ALA E 56 1.05 -19.07 -10.54
CA ALA E 56 1.66 -20.33 -10.94
C ALA E 56 2.83 -20.64 -10.03
N TRP E 57 3.61 -19.61 -9.73
CA TRP E 57 4.79 -19.79 -8.89
C TRP E 57 4.36 -20.17 -7.49
N ALA E 58 3.28 -19.56 -7.03
CA ALA E 58 2.79 -19.83 -5.69
C ALA E 58 2.29 -21.26 -5.59
N GLU E 59 1.55 -21.70 -6.62
CA GLU E 59 1.05 -23.07 -6.65
C GLU E 59 2.24 -24.03 -6.76
N ALA E 60 3.20 -23.65 -7.58
CA ALA E 60 4.38 -24.45 -7.82
C ALA E 60 5.25 -24.67 -6.60
N THR E 61 5.39 -23.68 -5.73
CA THR E 61 6.23 -23.87 -4.54
C THR E 61 5.42 -24.36 -3.34
N GLY E 62 4.14 -24.64 -3.55
CA GLY E 62 3.35 -25.10 -2.44
C GLY E 62 2.93 -23.95 -1.55
N ALA E 63 3.12 -22.72 -2.03
CA ALA E 63 2.76 -21.53 -1.28
C ALA E 63 1.25 -21.35 -1.32
N TYR E 64 0.63 -21.89 -2.34
CA TYR E 64 -0.82 -21.80 -2.53
C TYR E 64 -1.34 -23.16 -2.97
N VAL E 65 -2.56 -23.47 -2.56
CA VAL E 65 -3.16 -24.74 -2.93
C VAL E 65 -4.60 -24.45 -3.25
N PRO E 66 -4.91 -24.24 -4.53
CA PRO E 66 -6.28 -23.95 -4.91
C PRO E 66 -7.17 -24.82 -4.06
N GLY E 67 -8.11 -24.18 -3.36
CA GLY E 67 -9.01 -24.90 -2.48
C GLY E 67 -8.73 -24.73 -1.01
N ARG E 68 -7.70 -25.39 -0.50
CA ARG E 68 -7.38 -25.31 0.92
C ARG E 68 -7.01 -23.89 1.37
N ASP E 69 -6.02 -23.25 0.74
CA ASP E 69 -5.58 -21.90 1.11
C ASP E 69 -6.43 -20.79 0.51
N LYS E 70 -6.41 -19.62 1.16
CA LYS E 70 -7.17 -18.45 0.69
C LYS E 70 -6.31 -17.59 -0.25
N PRO E 71 -6.90 -17.07 -1.32
CA PRO E 71 -6.21 -16.25 -2.33
C PRO E 71 -5.67 -14.87 -1.96
N ASP E 72 -4.35 -14.75 -1.93
CA ASP E 72 -3.69 -13.47 -1.64
C ASP E 72 -2.95 -13.08 -2.93
N LEU E 73 -3.66 -12.40 -3.83
CA LEU E 73 -3.06 -12.03 -5.11
C LEU E 73 -1.87 -11.10 -5.00
N PRO E 74 -1.96 -10.07 -4.15
CA PRO E 74 -0.84 -9.14 -4.03
C PRO E 74 0.39 -9.84 -3.51
N THR E 75 0.20 -10.71 -2.54
CA THR E 75 1.32 -11.43 -2.00
C THR E 75 1.93 -12.33 -3.05
N TRP E 76 1.12 -12.86 -3.96
CA TRP E 76 1.69 -13.72 -5.00
C TRP E 76 2.66 -12.92 -5.82
N LYS E 77 2.24 -11.70 -6.14
CA LYS E 77 3.07 -10.82 -6.93
C LYS E 77 4.29 -10.38 -6.15
N ARG E 78 4.11 -10.09 -4.86
CA ARG E 78 5.23 -9.62 -4.05
C ARG E 78 6.30 -10.67 -3.98
N ASN E 79 5.87 -11.91 -3.78
CA ASN E 79 6.83 -12.99 -3.68
C ASN E 79 7.48 -13.27 -5.02
N PHE E 80 6.72 -13.23 -6.11
CA PHE E 80 7.34 -13.46 -7.40
C PHE E 80 8.27 -12.30 -7.70
N ARG E 81 7.83 -11.08 -7.41
CA ARG E 81 8.67 -9.92 -7.71
C ARG E 81 9.93 -9.94 -6.86
N SER E 82 9.76 -10.26 -5.59
CA SER E 82 10.91 -10.25 -4.72
C SER E 82 11.90 -11.34 -5.06
N ALA E 83 11.43 -12.50 -5.46
CA ALA E 83 12.33 -13.61 -5.73
C ALA E 83 13.32 -13.28 -6.85
N LEU E 84 12.79 -12.69 -7.92
CA LEU E 84 13.61 -12.31 -9.06
C LEU E 84 14.56 -11.18 -8.69
N ASN E 85 14.12 -10.29 -7.81
CA ASN E 85 14.95 -9.15 -7.54
C ASN E 85 16.32 -9.43 -6.98
N ARG E 86 16.47 -10.42 -6.13
CA ARG E 86 17.79 -10.71 -5.60
C ARG E 86 18.64 -11.52 -6.60
N LYS E 87 17.97 -12.45 -7.29
CA LYS E 87 18.57 -13.36 -8.26
C LYS E 87 19.58 -12.69 -9.13
N GLU E 88 20.77 -13.28 -9.17
CA GLU E 88 21.86 -12.74 -9.96
C GLU E 88 21.82 -13.26 -11.38
N GLY E 89 22.17 -12.41 -12.32
CA GLY E 89 22.18 -12.81 -13.71
C GLY E 89 20.83 -12.60 -14.37
N LEU E 90 20.06 -11.69 -13.79
CA LEU E 90 18.75 -11.34 -14.32
C LEU E 90 18.54 -9.90 -13.90
N ARG E 91 18.07 -9.04 -14.79
CA ARG E 91 17.86 -7.66 -14.38
C ARG E 91 16.60 -7.05 -14.97
N LEU E 92 16.12 -5.99 -14.34
CA LEU E 92 14.92 -5.30 -14.82
C LEU E 92 15.32 -4.41 -15.98
N ALA E 93 14.69 -4.61 -17.13
CA ALA E 93 14.99 -3.86 -18.34
C ALA E 93 14.02 -2.74 -18.62
N GLU E 94 12.74 -3.06 -18.61
CA GLU E 94 11.73 -2.05 -18.87
C GLU E 94 10.76 -2.07 -17.72
N ASP E 95 9.82 -1.14 -17.74
CA ASP E 95 8.79 -1.07 -16.73
C ASP E 95 7.56 -0.39 -17.33
N ARG E 96 6.81 -1.14 -18.14
CA ARG E 96 5.60 -0.62 -18.76
C ARG E 96 4.41 -1.02 -17.90
N SER E 97 4.64 -1.19 -16.59
CA SER E 97 3.61 -1.63 -15.66
C SER E 97 2.48 -0.65 -15.39
N LYS E 98 2.72 0.63 -15.64
CA LYS E 98 1.66 1.63 -15.42
C LYS E 98 1.00 1.99 -16.76
N ASP E 99 1.25 1.19 -17.80
CA ASP E 99 0.63 1.43 -19.11
C ASP E 99 -0.83 1.00 -19.13
N PRO E 100 -1.67 1.66 -19.96
CA PRO E 100 -3.10 1.35 -20.07
C PRO E 100 -3.55 0.01 -20.70
N HIS E 101 -3.22 -0.20 -21.96
CA HIS E 101 -3.66 -1.43 -22.65
C HIS E 101 -2.78 -2.67 -22.54
N ASP E 102 -1.50 -2.48 -22.26
CA ASP E 102 -0.60 -3.63 -22.16
C ASP E 102 0.46 -3.37 -21.09
N PRO E 103 0.04 -3.46 -19.83
CA PRO E 103 0.93 -3.24 -18.68
C PRO E 103 1.81 -4.46 -18.50
N HIS E 104 3.11 -4.23 -18.34
CA HIS E 104 4.07 -5.32 -18.13
C HIS E 104 5.49 -4.80 -17.90
N LYS E 105 6.34 -5.69 -17.41
CA LYS E 105 7.72 -5.33 -17.14
C LYS E 105 8.54 -6.24 -18.03
N ILE E 106 9.76 -5.83 -18.36
CA ILE E 106 10.62 -6.67 -19.19
C ILE E 106 11.94 -6.98 -18.51
N TYR E 107 12.20 -8.26 -18.27
CA TYR E 107 13.43 -8.63 -17.64
C TYR E 107 14.39 -9.14 -18.70
N GLU E 108 15.67 -9.01 -18.39
CA GLU E 108 16.74 -9.43 -19.28
C GLU E 108 17.69 -10.36 -18.55
N PHE E 109 18.21 -11.37 -19.24
CA PHE E 109 19.17 -12.28 -18.64
C PHE E 109 20.55 -11.70 -18.92
N VAL E 110 21.40 -11.65 -17.89
CA VAL E 110 22.75 -11.10 -18.03
C VAL E 110 23.84 -12.12 -17.74
N ASN E 111 24.92 -11.64 -17.10
CA ASN E 111 26.03 -12.53 -16.77
C ASN E 111 26.61 -12.39 -15.37
N SER E 112 27.82 -11.84 -15.29
CA SER E 112 28.55 -11.65 -14.03
C SER E 112 28.46 -10.21 -13.50
N PRO F 4 36.71 -24.72 27.17
CA PRO F 4 35.41 -25.21 27.72
C PRO F 4 34.18 -24.47 27.13
N LYS F 5 34.07 -24.49 25.79
CA LYS F 5 32.96 -23.85 25.06
C LYS F 5 31.63 -24.40 25.52
N PRO F 6 30.67 -23.53 25.86
CA PRO F 6 29.36 -24.01 26.31
C PRO F 6 28.55 -24.72 25.23
N ARG F 7 27.78 -25.73 25.65
CA ARG F 7 26.89 -26.45 24.74
C ARG F 7 25.60 -25.68 24.87
N ILE F 8 24.89 -25.46 23.77
CA ILE F 8 23.72 -24.61 23.83
C ILE F 8 22.54 -25.00 24.73
N LEU F 9 22.17 -26.28 24.76
CA LEU F 9 21.03 -26.63 25.59
C LEU F 9 21.28 -26.46 27.08
N PRO F 10 22.44 -26.88 27.55
CA PRO F 10 22.67 -26.70 28.99
C PRO F 10 22.77 -25.24 29.29
N TRP F 11 23.42 -24.52 28.39
CA TRP F 11 23.60 -23.10 28.59
C TRP F 11 22.26 -22.37 28.62
N LEU F 12 21.38 -22.75 27.70
CA LEU F 12 20.09 -22.11 27.59
C LEU F 12 19.27 -22.34 28.83
N VAL F 13 19.31 -23.57 29.32
CA VAL F 13 18.54 -23.94 30.48
C VAL F 13 19.01 -23.15 31.66
N SER F 14 20.31 -22.93 31.73
CA SER F 14 20.83 -22.16 32.85
C SER F 14 20.27 -20.72 32.81
N GLN F 15 20.23 -20.11 31.62
CA GLN F 15 19.73 -18.75 31.51
C GLN F 15 18.28 -18.74 31.94
N LEU F 16 17.56 -19.80 31.58
CA LEU F 16 16.15 -19.92 31.92
C LEU F 16 15.96 -20.00 33.41
N ASP F 17 16.81 -20.75 34.09
CA ASP F 17 16.71 -20.86 35.54
C ASP F 17 17.12 -19.59 36.25
N LEU F 18 18.23 -18.98 35.84
CA LEU F 18 18.67 -17.75 36.47
C LEU F 18 17.65 -16.64 36.25
N GLY F 19 17.06 -16.64 35.05
CA GLY F 19 16.08 -15.63 34.73
C GLY F 19 16.60 -14.20 34.81
N GLN F 20 17.79 -13.96 34.26
CA GLN F 20 18.34 -12.62 34.33
C GLN F 20 17.99 -11.82 33.07
N LEU F 21 17.41 -12.49 32.09
CA LEU F 21 17.05 -11.83 30.85
C LEU F 21 15.54 -11.68 30.64
N GLU F 22 15.07 -10.44 30.75
CA GLU F 22 13.65 -10.13 30.57
C GLU F 22 13.08 -10.89 29.39
N GLY F 23 11.86 -11.39 29.53
CA GLY F 23 11.23 -12.11 28.43
C GLY F 23 11.69 -13.53 28.19
N VAL F 24 12.84 -13.90 28.73
CA VAL F 24 13.38 -15.24 28.59
C VAL F 24 12.98 -15.95 29.85
N ALA F 25 11.96 -16.80 29.77
CA ALA F 25 11.49 -17.45 30.98
C ALA F 25 10.68 -18.70 30.71
N TRP F 26 10.62 -19.59 31.71
CA TRP F 26 9.84 -20.81 31.58
C TRP F 26 8.39 -20.38 31.67
N VAL F 27 7.50 -21.21 31.14
CA VAL F 27 6.06 -20.95 31.16
C VAL F 27 5.34 -22.24 31.65
N ASN F 28 6.07 -23.05 32.41
CA ASN F 28 5.62 -24.33 32.96
C ASN F 28 6.15 -24.39 34.37
N LYS F 29 5.37 -24.91 35.30
CA LYS F 29 5.90 -25.03 36.65
C LYS F 29 6.93 -26.15 36.55
N SER F 30 6.62 -27.12 35.67
CA SER F 30 7.46 -28.29 35.43
C SER F 30 8.73 -27.99 34.65
N ARG F 31 8.75 -26.84 33.97
CA ARG F 31 9.89 -26.43 33.19
C ARG F 31 10.13 -27.23 31.93
N THR F 32 9.11 -27.38 31.11
CA THR F 32 9.29 -28.13 29.86
C THR F 32 8.93 -27.27 28.64
N ARG F 33 8.53 -26.02 28.93
CA ARG F 33 8.15 -25.04 27.91
C ARG F 33 8.69 -23.65 28.27
N PHE F 34 9.48 -23.08 27.36
CA PHE F 34 10.03 -21.77 27.62
C PHE F 34 9.69 -20.77 26.54
N ARG F 35 9.82 -19.49 26.85
CA ARG F 35 9.52 -18.49 25.86
C ARG F 35 10.76 -17.70 25.52
N ILE F 36 10.89 -17.33 24.26
CA ILE F 36 12.02 -16.54 23.78
C ILE F 36 11.55 -15.26 23.08
N PRO F 37 12.10 -14.11 23.49
CA PRO F 37 11.79 -12.79 22.95
C PRO F 37 12.14 -12.82 21.47
N TRP F 38 11.18 -12.42 20.63
CA TRP F 38 11.39 -12.51 19.20
C TRP F 38 10.90 -11.34 18.35
N LYS F 39 11.31 -10.11 18.72
CA LYS F 39 10.94 -8.89 17.98
C LYS F 39 11.66 -8.93 16.63
N HIS F 40 11.05 -8.35 15.60
CA HIS F 40 11.63 -8.35 14.25
C HIS F 40 12.58 -7.18 13.95
N GLY F 41 13.79 -7.51 13.53
CA GLY F 41 14.81 -6.51 13.21
C GLY F 41 14.47 -5.13 12.62
N LEU F 42 13.52 -5.06 11.70
CA LEU F 42 13.18 -3.78 11.09
C LEU F 42 12.42 -2.87 12.03
N ARG F 43 11.46 -3.43 12.76
CA ARG F 43 10.63 -2.67 13.70
C ARG F 43 11.35 -1.53 14.37
N GLN F 44 10.81 -0.33 14.18
CA GLN F 44 11.40 0.85 14.78
C GLN F 44 11.56 0.60 16.26
N ASP F 45 10.55 -0.03 16.87
CA ASP F 45 10.60 -0.31 18.31
C ASP F 45 11.58 -1.35 18.75
N ALA F 46 12.35 -1.92 17.83
CA ALA F 46 13.32 -2.95 18.19
C ALA F 46 14.57 -2.31 18.75
N GLN F 47 14.77 -2.46 20.06
CA GLN F 47 15.93 -1.93 20.72
C GLN F 47 16.90 -3.09 20.72
N GLN F 48 18.18 -2.83 20.88
CA GLN F 48 19.14 -3.92 20.86
C GLN F 48 18.80 -5.04 21.85
N GLU F 49 18.44 -4.70 23.08
CA GLU F 49 18.12 -5.74 24.05
C GLU F 49 17.00 -6.72 23.63
N ASP F 50 16.35 -6.48 22.50
CA ASP F 50 15.29 -7.40 22.06
C ASP F 50 15.90 -8.67 21.47
N PHE F 51 17.24 -8.68 21.39
CA PHE F 51 18.00 -9.81 20.87
C PHE F 51 19.00 -10.16 21.95
N GLY F 52 18.59 -10.01 23.21
CA GLY F 52 19.51 -10.27 24.30
C GLY F 52 20.05 -11.68 24.44
N ILE F 53 19.20 -12.69 24.29
CA ILE F 53 19.67 -14.06 24.40
C ILE F 53 20.55 -14.38 23.21
N PHE F 54 20.13 -13.90 22.04
CA PHE F 54 20.87 -14.18 20.83
C PHE F 54 22.24 -13.57 20.99
N GLN F 55 22.30 -12.36 21.55
CA GLN F 55 23.57 -11.69 21.81
C GLN F 55 24.37 -12.40 22.89
N ALA F 56 23.67 -12.88 23.93
CA ALA F 56 24.35 -13.54 25.03
C ALA F 56 25.06 -14.78 24.55
N TRP F 57 24.40 -15.52 23.66
CA TRP F 57 24.97 -16.76 23.10
C TRP F 57 26.19 -16.41 22.25
N ALA F 58 26.09 -15.35 21.46
CA ALA F 58 27.21 -14.96 20.61
C ALA F 58 28.41 -14.56 21.47
N GLU F 59 28.17 -13.79 22.54
CA GLU F 59 29.26 -13.37 23.42
C GLU F 59 29.81 -14.61 24.13
N ALA F 60 28.90 -15.49 24.51
CA ALA F 60 29.26 -16.71 25.23
C ALA F 60 30.13 -17.68 24.41
N THR F 61 29.89 -17.79 23.12
CA THR F 61 30.67 -18.70 22.28
C THR F 61 31.90 -18.00 21.78
N GLY F 62 32.07 -16.77 22.29
CA GLY F 62 33.21 -15.95 21.93
C GLY F 62 33.19 -15.44 20.49
N ALA F 63 32.02 -15.46 19.88
CA ALA F 63 31.88 -15.02 18.52
C ALA F 63 31.73 -13.51 18.48
N TYR F 64 31.25 -12.94 19.58
CA TYR F 64 31.02 -11.51 19.67
C TYR F 64 31.58 -10.84 20.93
N VAL F 65 32.67 -10.09 20.78
CA VAL F 65 33.23 -9.37 21.92
C VAL F 65 32.90 -7.90 21.71
N PRO F 66 32.04 -7.32 22.57
CA PRO F 66 31.68 -5.91 22.42
C PRO F 66 32.93 -5.05 22.35
N GLY F 67 32.87 -4.03 21.51
CA GLY F 67 34.02 -3.17 21.34
C GLY F 67 34.82 -3.63 20.13
N ARG F 68 35.07 -4.94 20.04
CA ARG F 68 35.85 -5.50 18.93
C ARG F 68 35.09 -5.73 17.63
N ASP F 69 33.84 -6.13 17.72
CA ASP F 69 33.04 -6.40 16.53
C ASP F 69 31.88 -5.42 16.42
N LYS F 70 31.35 -5.26 15.22
CA LYS F 70 30.19 -4.40 15.01
C LYS F 70 28.99 -5.26 15.37
N PRO F 71 28.03 -4.68 16.11
CA PRO F 71 26.89 -5.53 16.45
C PRO F 71 26.22 -6.01 15.17
N ASP F 72 25.80 -7.26 15.17
CA ASP F 72 25.12 -7.89 14.04
C ASP F 72 23.96 -8.72 14.60
N LEU F 73 22.83 -8.07 14.80
CA LEU F 73 21.64 -8.71 15.38
C LEU F 73 21.03 -9.85 14.57
N PRO F 74 21.02 -9.73 13.24
CA PRO F 74 20.42 -10.79 12.44
C PRO F 74 21.11 -12.13 12.56
N THR F 75 22.43 -12.11 12.55
CA THR F 75 23.18 -13.33 12.65
C THR F 75 23.02 -13.97 14.01
N TRP F 76 22.94 -13.14 15.05
CA TRP F 76 22.83 -13.73 16.38
C TRP F 76 21.54 -14.52 16.51
N LYS F 77 20.44 -13.95 16.04
CA LYS F 77 19.17 -14.66 16.11
C LYS F 77 19.25 -15.85 15.15
N ARG F 78 19.85 -15.61 13.99
CA ARG F 78 19.94 -16.65 12.99
C ARG F 78 20.73 -17.82 13.56
N ASN F 79 21.83 -17.51 14.23
CA ASN F 79 22.63 -18.59 14.77
C ASN F 79 21.85 -19.29 15.86
N PHE F 80 21.18 -18.51 16.70
CA PHE F 80 20.47 -19.11 17.79
C PHE F 80 19.37 -20.02 17.28
N ARG F 81 18.65 -19.55 16.28
CA ARG F 81 17.57 -20.39 15.80
C ARG F 81 18.12 -21.64 15.16
N SER F 82 19.15 -21.53 14.34
CA SER F 82 19.63 -22.73 13.69
C SER F 82 20.16 -23.74 14.68
N ALA F 83 20.84 -23.25 15.71
CA ALA F 83 21.43 -24.15 16.68
C ALA F 83 20.36 -25.02 17.35
N LEU F 84 19.25 -24.40 17.73
CA LEU F 84 18.14 -25.09 18.36
C LEU F 84 17.42 -26.07 17.42
N ASN F 85 17.38 -25.78 16.13
CA ASN F 85 16.67 -26.65 15.20
C ASN F 85 17.19 -28.09 15.10
N ARG F 86 18.50 -28.31 15.08
CA ARG F 86 18.97 -29.69 15.00
C ARG F 86 18.57 -30.47 16.23
N LYS F 87 18.62 -29.82 17.39
CA LYS F 87 18.31 -30.45 18.67
C LYS F 87 17.02 -31.29 18.67
N GLU F 88 17.19 -32.56 19.04
CA GLU F 88 16.08 -33.51 19.10
C GLU F 88 15.58 -33.51 20.52
N GLY F 89 14.28 -33.61 20.69
CA GLY F 89 13.73 -33.60 22.03
C GLY F 89 13.28 -32.20 22.37
N LEU F 90 13.49 -31.29 21.41
CA LEU F 90 13.13 -29.88 21.52
C LEU F 90 12.45 -29.47 20.21
N ARG F 91 11.31 -28.79 20.33
CA ARG F 91 10.56 -28.34 19.15
C ARG F 91 9.83 -27.04 19.38
N LEU F 92 9.82 -26.22 18.35
CA LEU F 92 9.13 -24.94 18.37
C LEU F 92 7.62 -25.27 18.41
N ALA F 93 6.94 -24.81 19.46
CA ALA F 93 5.52 -25.07 19.62
C ALA F 93 4.61 -23.94 19.13
N GLU F 94 4.97 -22.68 19.42
CA GLU F 94 4.16 -21.54 18.96
C GLU F 94 5.04 -20.42 18.42
N ASP F 95 4.54 -19.75 17.40
CA ASP F 95 5.24 -18.67 16.73
C ASP F 95 4.48 -17.36 16.91
N ARG F 96 4.67 -16.72 18.05
CA ARG F 96 4.03 -15.44 18.39
C ARG F 96 4.99 -14.27 18.07
N SER F 97 5.70 -14.35 16.96
CA SER F 97 6.67 -13.31 16.67
C SER F 97 6.28 -12.13 15.81
N LYS F 98 5.20 -12.23 15.05
CA LYS F 98 4.76 -11.10 14.23
C LYS F 98 3.78 -10.34 15.08
N ASP F 99 3.84 -10.64 16.37
CA ASP F 99 2.96 -10.03 17.37
C ASP F 99 3.32 -8.62 17.78
N PRO F 100 2.37 -7.69 17.67
CA PRO F 100 2.49 -6.26 17.99
C PRO F 100 3.08 -5.87 19.35
N HIS F 101 2.43 -6.32 20.42
CA HIS F 101 2.87 -5.97 21.76
C HIS F 101 4.01 -6.79 22.29
N ASP F 102 3.74 -8.06 22.60
CA ASP F 102 4.76 -8.95 23.13
C ASP F 102 5.05 -10.09 22.16
N PRO F 103 6.05 -9.91 21.27
CA PRO F 103 6.41 -10.92 20.29
C PRO F 103 7.41 -11.92 20.84
N HIS F 104 7.19 -13.19 20.56
CA HIS F 104 8.08 -14.24 21.03
C HIS F 104 7.69 -15.56 20.41
N LYS F 105 8.48 -16.58 20.70
CA LYS F 105 8.24 -17.93 20.23
C LYS F 105 8.28 -18.83 21.45
N ILE F 106 7.53 -19.93 21.40
CA ILE F 106 7.53 -20.87 22.52
C ILE F 106 8.13 -22.19 22.09
N TYR F 107 9.20 -22.60 22.75
CA TYR F 107 9.76 -23.87 22.39
C TYR F 107 9.23 -24.84 23.41
N GLU F 108 9.48 -26.13 23.19
CA GLU F 108 8.99 -27.15 24.08
C GLU F 108 9.85 -28.40 24.00
N PHE F 109 9.87 -29.16 25.09
CA PHE F 109 10.66 -30.37 25.15
C PHE F 109 9.82 -31.64 24.94
N VAL F 110 10.03 -32.33 23.82
CA VAL F 110 9.29 -33.56 23.59
C VAL F 110 9.97 -34.61 24.46
N ASN F 111 9.17 -35.34 25.25
CA ASN F 111 9.72 -36.36 26.13
C ASN F 111 10.30 -37.54 25.35
#